data_8CTJ
#
_entry.id   8CTJ
#
_cell.length_a   1.00
_cell.length_b   1.00
_cell.length_c   1.00
_cell.angle_alpha   90.00
_cell.angle_beta   90.00
_cell.angle_gamma   90.00
#
_symmetry.space_group_name_H-M   'P 1'
#
loop_
_entity.id
_entity.type
_entity.pdbx_description
1 polymer 'Transmembrane protein 87A'
2 non-polymer 1,2-dioleoyl-sn-glycero-3-phosphoethanolamine
#
_entity_poly.entity_id   1
_entity_poly.type   'polypeptide(L)'
_entity_poly.pdbx_seq_one_letter_code
;MAAAAWLQVLPVILLLLGAHPSPLSFFSAGPATVAAADRSKWHIPIPSGKNYFSFGKILFRNTTIFLKFDGEPCDLSLNI
TWYLKSADCYNEIYNFKAEEVELYLEKLKEKRGLSGKYQTSSKLFQNCSELFKTQTFSGDFMHRLPLLGEKQEAKENGTN
LTFIGDKTAMHEPLQTWQDAPYIFIVHIGISSSKESSKENSLSNLFTMTVEVKGPYEYLTLEDYPLMIFFMVMCIVYVLF
GVLWLAWSACYWRDLLRIQFWIGAVIFLGMLEKAVFYAEFQNIRYKGESVQGALILAELLSAVKRSLARTLVIIVSLGYG
IVKPRLGVTLHKVVVAGALYLLFSGMEGVLRVTGAQTDLASLAFIPLAFLDTALCWWIFISLTQTMKLLKLRRNIVKLSL
YRHFTNTLILAVAASIVFIIWTTMKFRIVTCQSDWRELWVDDAIWRLLFSMILFVIMVLWRPSANNQRFAFSPLSEEEEE
DEQKEPMLKESFEGMKMRSTKQEPNGNSKVNKAQEDDLKWVEENVPSSVTDVALPALLDSDEERMITHFERSKMESNSLE
VLFQ
;
_entity_poly.pdbx_strand_id   A
#
loop_
_chem_comp.id
_chem_comp.type
_chem_comp.name
_chem_comp.formula
PEE non-polymer 1,2-dioleoyl-sn-glycero-3-phosphoethanolamine 'C41 H78 N O8 P'
#
# COMPACT_ATOMS: atom_id res chain seq x y z
N ASP A 38 1.25 9.83 6.32
CA ASP A 38 0.07 10.12 7.14
C ASP A 38 0.17 11.44 7.91
N ARG A 39 0.39 12.52 7.15
CA ARG A 39 0.49 13.88 7.67
C ARG A 39 1.63 13.99 8.69
N SER A 40 2.85 13.82 8.17
CA SER A 40 4.07 13.85 8.97
C SER A 40 4.27 15.19 9.66
N LYS A 41 3.75 16.26 9.06
CA LYS A 41 3.69 17.56 9.73
C LYS A 41 2.41 17.62 10.55
N TRP A 42 2.51 17.10 11.78
CA TRP A 42 1.37 17.02 12.70
C TRP A 42 1.07 18.43 13.19
N HIS A 43 0.04 19.04 12.61
CA HIS A 43 -0.42 20.36 13.04
C HIS A 43 -1.48 20.16 14.13
N ILE A 44 -1.03 19.77 15.31
CA ILE A 44 -1.95 19.51 16.40
C ILE A 44 -1.98 20.74 17.31
N PRO A 45 -3.13 21.41 17.45
CA PRO A 45 -3.22 22.50 18.42
C PRO A 45 -3.41 21.95 19.82
N ILE A 46 -2.59 22.42 20.76
CA ILE A 46 -2.47 21.90 22.12
C ILE A 46 -3.79 22.07 22.87
N PRO A 47 -4.51 20.99 23.15
CA PRO A 47 -5.82 21.12 23.78
C PRO A 47 -5.78 20.99 25.30
N SER A 48 -6.93 21.20 25.93
CA SER A 48 -7.08 20.91 27.35
C SER A 48 -7.66 19.52 27.58
N GLY A 49 -8.27 18.93 26.55
CA GLY A 49 -8.84 17.60 26.70
C GLY A 49 -7.79 16.53 26.91
N LYS A 50 -6.72 16.57 26.13
CA LYS A 50 -5.61 15.64 26.25
C LYS A 50 -4.30 16.41 26.38
N ASN A 51 -3.34 15.82 27.09
CA ASN A 51 -2.05 16.45 27.26
C ASN A 51 -0.90 15.63 26.68
N TYR A 52 -1.18 14.55 25.94
CA TYR A 52 -0.14 13.65 25.48
C TYR A 52 -0.23 13.48 23.97
N PHE A 53 0.87 13.73 23.29
CA PHE A 53 0.98 13.53 21.86
C PHE A 53 1.98 12.41 21.57
N SER A 54 1.58 11.53 20.65
CA SER A 54 2.33 10.33 20.31
C SER A 54 2.71 10.37 18.84
N PHE A 55 3.93 9.94 18.52
CA PHE A 55 4.49 9.96 17.17
C PHE A 55 5.43 8.77 17.04
N GLY A 56 4.91 7.64 16.56
CA GLY A 56 5.77 6.47 16.45
C GLY A 56 5.96 5.97 15.03
N LYS A 57 7.16 6.15 14.47
CA LYS A 57 7.44 5.76 13.08
C LYS A 57 8.80 5.10 12.96
N ILE A 58 9.32 5.01 11.73
CA ILE A 58 10.63 4.44 11.45
C ILE A 58 11.41 5.53 10.72
N LEU A 59 12.59 5.90 11.22
CA LEU A 59 13.23 7.14 10.81
C LEU A 59 14.67 6.94 10.34
N PHE A 60 15.11 7.82 9.42
CA PHE A 60 16.50 7.90 9.01
C PHE A 60 17.38 8.30 10.18
N ARG A 61 18.67 7.99 10.08
CA ARG A 61 19.66 8.56 10.98
C ARG A 61 19.86 10.03 10.64
N ASN A 62 20.19 10.83 11.65
CA ASN A 62 20.33 12.28 11.55
C ASN A 62 19.03 12.95 11.09
N THR A 63 17.90 12.39 11.51
CA THR A 63 16.61 13.02 11.29
C THR A 63 16.30 13.98 12.44
N THR A 64 15.90 15.19 12.09
CA THR A 64 15.58 16.22 13.07
C THR A 64 14.07 16.32 13.21
N ILE A 65 13.62 16.67 14.42
CA ILE A 65 12.20 16.81 14.73
C ILE A 65 12.00 18.25 15.20
N PHE A 66 11.57 19.10 14.28
CA PHE A 66 11.23 20.48 14.62
C PHE A 66 9.88 20.53 15.32
N LEU A 67 9.79 21.42 16.30
CA LEU A 67 8.53 21.73 16.96
C LEU A 67 8.28 23.23 16.81
N LYS A 68 7.16 23.58 16.19
CA LYS A 68 6.80 24.97 15.95
C LYS A 68 5.65 25.33 16.88
N PHE A 69 5.82 26.41 17.65
CA PHE A 69 4.85 26.83 18.66
C PHE A 69 4.39 28.25 18.35
N ASP A 70 3.13 28.39 17.93
CA ASP A 70 2.51 29.69 17.72
C ASP A 70 1.14 29.68 18.36
N GLY A 71 0.84 30.71 19.16
CA GLY A 71 -0.43 30.79 19.83
C GLY A 71 -0.64 32.15 20.47
N GLU A 72 -1.85 32.34 20.97
CA GLU A 72 -2.20 33.57 21.69
C GLU A 72 -1.52 33.55 23.06
N PRO A 73 -0.55 34.42 23.32
CA PRO A 73 0.22 34.31 24.57
C PRO A 73 -0.60 34.58 25.81
N CYS A 74 -0.37 33.74 26.83
CA CYS A 74 -1.01 33.80 28.12
C CYS A 74 0.01 33.83 29.25
N ASP A 75 -0.43 33.66 30.49
CA ASP A 75 0.45 33.58 31.65
C ASP A 75 0.11 32.34 32.50
N LEU A 76 0.63 31.19 32.05
CA LEU A 76 0.49 29.93 32.76
C LEU A 76 1.85 29.25 32.79
N SER A 77 2.13 28.50 33.84
CA SER A 77 3.39 27.75 33.92
C SER A 77 3.25 26.47 33.12
N LEU A 78 4.21 26.24 32.23
CA LEU A 78 4.15 25.17 31.24
C LEU A 78 5.34 24.25 31.44
N ASN A 79 5.08 22.97 31.71
CA ASN A 79 6.14 21.99 31.87
C ASN A 79 6.06 21.01 30.71
N ILE A 80 6.94 21.17 29.73
CA ILE A 80 6.95 20.32 28.55
C ILE A 80 8.00 19.23 28.75
N THR A 81 7.55 17.97 28.72
CA THR A 81 8.43 16.82 28.85
C THR A 81 8.36 16.04 27.54
N TRP A 82 9.50 15.82 26.91
CA TRP A 82 9.50 15.04 25.68
C TRP A 82 10.41 13.83 25.80
N TYR A 83 10.02 12.78 25.09
CA TYR A 83 10.71 11.49 25.12
C TYR A 83 10.90 11.00 23.70
N LEU A 84 12.12 10.60 23.37
CA LEU A 84 12.41 9.96 22.10
C LEU A 84 13.10 8.63 22.38
N LYS A 85 12.43 7.53 22.06
CA LYS A 85 12.88 6.21 22.43
C LYS A 85 13.03 5.33 21.20
N SER A 86 14.16 4.65 21.10
CA SER A 86 14.42 3.72 20.01
C SER A 86 14.04 2.31 20.43
N ALA A 87 12.75 2.01 20.29
CA ALA A 87 12.25 0.66 20.54
C ALA A 87 12.79 -0.28 19.47
N ASP A 88 13.63 -1.24 19.89
CA ASP A 88 14.33 -2.10 18.95
C ASP A 88 13.38 -3.07 18.23
N CYS A 89 12.21 -3.34 18.79
CA CYS A 89 11.29 -4.30 18.20
C CYS A 89 10.16 -3.58 17.48
N TYR A 90 9.62 -4.24 16.45
CA TYR A 90 8.58 -3.65 15.62
C TYR A 90 7.29 -3.49 16.42
N ASN A 91 7.05 -4.40 17.37
CA ASN A 91 5.74 -4.52 18.01
C ASN A 91 5.45 -3.35 18.94
N GLU A 92 6.47 -2.86 19.67
CA GLU A 92 6.21 -1.92 20.76
C GLU A 92 5.94 -0.50 20.28
N ILE A 93 5.70 -0.30 18.98
CA ILE A 93 5.36 1.02 18.45
C ILE A 93 4.02 0.99 17.71
N TYR A 94 3.82 0.02 16.82
CA TYR A 94 2.60 0.00 16.01
C TYR A 94 1.48 -0.80 16.66
N ASN A 95 1.80 -1.89 17.37
CA ASN A 95 0.79 -2.52 18.20
C ASN A 95 0.50 -1.66 19.42
N PHE A 96 1.46 -0.83 19.81
CA PHE A 96 1.24 0.21 20.81
C PHE A 96 0.13 1.14 20.36
N LYS A 97 -0.73 1.52 21.32
CA LYS A 97 -1.87 2.37 21.05
C LYS A 97 -1.81 3.60 21.95
N ALA A 98 -2.57 4.63 21.59
CA ALA A 98 -2.52 5.88 22.32
C ALA A 98 -3.18 5.76 23.69
N GLU A 99 -3.94 4.69 23.91
CA GLU A 99 -4.54 4.44 25.22
C GLU A 99 -3.47 4.11 26.26
N GLU A 100 -2.42 3.39 25.85
CA GLU A 100 -1.39 2.95 26.78
C GLU A 100 -0.14 3.84 26.75
N VAL A 101 -0.28 5.14 26.49
CA VAL A 101 0.87 6.04 26.52
C VAL A 101 1.44 6.13 27.93
N GLU A 102 0.57 6.32 28.91
CA GLU A 102 1.01 6.42 30.30
C GLU A 102 1.54 5.08 30.79
N LEU A 103 0.96 3.98 30.31
CA LEU A 103 1.47 2.65 30.64
C LEU A 103 2.87 2.45 30.06
N TYR A 104 3.09 2.92 28.83
CA TYR A 104 4.43 2.83 28.23
C TYR A 104 5.42 3.69 29.02
N LEU A 105 4.97 4.85 29.50
CA LEU A 105 5.82 5.68 30.34
C LEU A 105 6.19 4.97 31.65
N GLU A 106 5.20 4.35 32.30
CA GLU A 106 5.46 3.68 33.58
C GLU A 106 6.29 2.42 33.36
N LYS A 107 6.24 1.85 32.15
CA LYS A 107 7.15 0.77 31.82
C LYS A 107 8.56 1.28 31.59
N LEU A 108 8.69 2.45 30.96
CA LEU A 108 10.01 2.95 30.58
C LEU A 108 10.77 3.51 31.77
N LYS A 109 10.06 4.09 32.75
CA LYS A 109 10.74 4.72 33.88
C LYS A 109 11.52 3.71 34.72
N GLU A 110 10.94 2.53 34.93
CA GLU A 110 11.60 1.48 35.69
C GLU A 110 11.98 0.28 34.82
N LYS A 111 11.94 0.43 33.50
CA LYS A 111 12.50 -0.53 32.53
C LYS A 111 11.86 -1.92 32.65
N ARG A 112 10.56 -1.97 32.38
CA ARG A 112 9.82 -3.24 32.29
C ARG A 112 9.37 -3.44 30.85
N GLY A 113 9.82 -4.52 30.23
CA GLY A 113 9.31 -4.95 28.94
C GLY A 113 9.72 -4.11 27.76
N LEU A 114 10.68 -3.20 27.94
CA LEU A 114 11.11 -2.30 26.87
C LEU A 114 12.62 -2.42 26.68
N SER A 115 13.06 -2.39 25.43
CA SER A 115 14.46 -2.50 25.08
C SER A 115 14.87 -1.33 24.21
N GLY A 116 16.06 -0.78 24.45
CA GLY A 116 16.61 0.30 23.66
C GLY A 116 17.10 1.43 24.53
N LYS A 117 17.35 2.56 23.88
CA LYS A 117 17.89 3.76 24.53
C LYS A 117 16.93 4.93 24.34
N TYR A 118 16.72 5.68 25.42
CA TYR A 118 15.78 6.79 25.44
C TYR A 118 16.51 8.11 25.68
N GLN A 119 15.95 9.18 25.13
CA GLN A 119 16.50 10.52 25.29
C GLN A 119 15.36 11.44 25.70
N THR A 120 15.62 12.32 26.67
CA THR A 120 14.51 13.06 27.25
C THR A 120 14.97 14.43 27.73
N SER A 121 13.99 15.32 27.89
CA SER A 121 14.18 16.58 28.59
C SER A 121 12.83 17.04 29.12
N SER A 122 12.89 17.89 30.16
CA SER A 122 11.73 18.38 30.89
C SER A 122 11.90 19.88 31.15
N LYS A 123 12.26 20.62 30.09
CA LYS A 123 12.48 22.05 30.24
C LYS A 123 11.18 22.77 30.55
N LEU A 124 11.22 23.65 31.54
CA LEU A 124 10.03 24.32 32.04
C LEU A 124 9.92 25.72 31.45
N PHE A 125 8.69 26.17 31.24
CA PHE A 125 8.40 27.51 30.73
C PHE A 125 7.50 28.21 31.73
N GLN A 126 7.93 29.39 32.19
CA GLN A 126 7.19 30.11 33.24
C GLN A 126 5.91 30.72 32.70
N ASN A 127 5.98 31.32 31.52
CA ASN A 127 4.83 31.95 30.90
C ASN A 127 4.57 31.36 29.53
N CYS A 128 3.33 31.52 29.05
CA CYS A 128 2.99 31.02 27.71
C CYS A 128 3.75 31.78 26.62
N SER A 129 3.97 33.08 26.84
CA SER A 129 4.63 33.91 25.85
C SER A 129 6.09 33.49 25.66
N GLU A 130 6.73 33.05 26.73
CA GLU A 130 8.13 32.63 26.67
C GLU A 130 8.30 31.39 25.78
N LEU A 131 7.25 30.59 25.63
CA LEU A 131 7.29 29.46 24.71
C LEU A 131 7.41 29.94 23.27
N PHE A 132 6.71 31.03 22.93
CA PHE A 132 6.71 31.53 21.56
C PHE A 132 8.07 32.10 21.16
N LYS A 133 8.83 32.59 22.14
CA LYS A 133 10.12 33.21 21.84
C LYS A 133 11.13 32.18 21.37
N THR A 134 12.27 32.66 20.87
CA THR A 134 13.25 31.81 20.20
C THR A 134 13.87 30.82 21.17
N GLN A 135 13.43 29.57 21.07
CA GLN A 135 13.83 28.50 21.96
C GLN A 135 14.14 27.29 21.07
N THR A 136 15.01 27.50 20.09
CA THR A 136 15.48 26.44 19.20
C THR A 136 16.02 25.25 20.00
N PHE A 137 15.42 24.09 19.78
CA PHE A 137 15.65 22.93 20.64
C PHE A 137 17.05 22.36 20.44
N SER A 138 17.68 21.95 21.54
CA SER A 138 18.95 21.26 21.52
C SER A 138 18.85 20.02 22.39
N GLY A 139 19.27 18.88 21.85
CA GLY A 139 19.26 17.65 22.63
C GLY A 139 20.27 17.69 23.75
N ASP A 140 19.91 17.11 24.89
CA ASP A 140 20.74 17.23 26.08
C ASP A 140 21.72 16.07 26.25
N PHE A 141 21.20 14.86 26.41
CA PHE A 141 22.03 13.70 26.72
C PHE A 141 21.20 12.43 26.52
N MET A 142 21.82 11.40 25.97
CA MET A 142 21.18 10.11 25.74
C MET A 142 21.34 9.24 26.98
N HIS A 143 20.27 8.56 27.37
CA HIS A 143 20.26 7.71 28.55
C HIS A 143 19.95 6.27 28.14
N ARG A 144 20.86 5.36 28.42
CA ARG A 144 20.67 3.95 28.09
C ARG A 144 19.95 3.21 29.21
N LEU A 174 16.17 17.68 17.30
CA LEU A 174 16.54 16.48 18.04
C LEU A 174 17.09 15.43 17.07
N GLN A 175 18.41 15.37 16.96
CA GLN A 175 19.03 14.60 15.88
C GLN A 175 18.98 13.11 16.17
N THR A 176 18.60 12.34 15.17
CA THR A 176 18.48 10.89 15.27
C THR A 176 19.85 10.23 15.18
N TRP A 177 20.02 9.14 15.92
CA TRP A 177 21.32 8.48 15.98
C TRP A 177 21.41 7.19 15.15
N GLN A 178 20.28 6.63 14.69
CA GLN A 178 20.34 5.42 13.88
C GLN A 178 19.09 5.29 13.02
N ASP A 179 19.18 4.41 12.03
CA ASP A 179 18.03 3.98 11.24
C ASP A 179 17.27 2.91 12.02
N ALA A 180 16.15 3.30 12.62
CA ALA A 180 15.42 2.41 13.51
C ALA A 180 13.99 2.90 13.63
N PRO A 181 13.07 2.06 14.12
CA PRO A 181 11.77 2.59 14.57
C PRO A 181 11.86 3.33 15.89
N TYR A 182 11.43 4.58 15.90
CA TYR A 182 11.42 5.41 17.09
C TYR A 182 9.99 5.73 17.51
N ILE A 183 9.86 6.13 18.77
CA ILE A 183 8.62 6.65 19.32
C ILE A 183 8.92 7.99 19.99
N PHE A 184 7.98 8.92 19.91
CA PHE A 184 8.17 10.30 20.35
C PHE A 184 6.91 10.72 21.10
N ILE A 185 7.07 11.03 22.39
CA ILE A 185 5.95 11.33 23.28
C ILE A 185 6.16 12.70 23.90
N VAL A 186 5.13 13.54 23.84
CA VAL A 186 5.17 14.88 24.43
C VAL A 186 4.05 14.97 25.46
N HIS A 187 4.39 15.37 26.68
CA HIS A 187 3.41 15.64 27.72
C HIS A 187 3.58 17.09 28.19
N ILE A 188 2.46 17.80 28.31
CA ILE A 188 2.47 19.22 28.63
C ILE A 188 1.71 19.39 29.94
N GLY A 189 2.45 19.60 31.03
CA GLY A 189 1.85 19.91 32.31
C GLY A 189 1.44 21.36 32.40
N ILE A 190 0.19 21.60 32.82
CA ILE A 190 -0.43 22.92 32.84
C ILE A 190 -0.57 23.34 34.29
N SER A 191 -0.11 24.55 34.61
CA SER A 191 -0.41 25.09 35.94
C SER A 191 -0.48 26.62 35.90
N GLU A 199 -8.98 27.50 29.99
CA GLU A 199 -9.29 26.11 29.65
C GLU A 199 -9.83 26.02 28.22
N ASN A 200 -10.94 26.72 27.98
CA ASN A 200 -11.49 26.77 26.63
C ASN A 200 -10.54 27.49 25.68
N SER A 201 -9.92 28.58 26.14
CA SER A 201 -8.84 29.18 25.37
C SER A 201 -7.63 28.25 25.31
N LEU A 202 -7.33 27.59 26.42
CA LEU A 202 -6.21 26.65 26.45
C LEU A 202 -6.47 25.44 25.57
N SER A 203 -7.74 25.16 25.29
CA SER A 203 -8.07 24.16 24.29
C SER A 203 -7.68 24.67 22.91
N ASN A 204 -6.75 23.94 22.26
CA ASN A 204 -6.27 24.25 20.91
C ASN A 204 -5.65 25.64 20.82
N LEU A 205 -4.82 26.01 21.80
CA LEU A 205 -4.30 27.37 21.83
C LEU A 205 -3.05 27.50 20.96
N PHE A 206 -1.98 26.79 21.29
CA PHE A 206 -0.76 26.80 20.50
C PHE A 206 -0.85 25.70 19.45
N THR A 207 -0.79 26.09 18.18
CA THR A 207 -0.77 25.11 17.10
C THR A 207 0.62 24.49 17.03
N MET A 208 0.82 23.41 17.79
CA MET A 208 2.10 22.72 17.78
C MET A 208 2.25 21.99 16.46
N THR A 209 3.25 22.40 15.67
CA THR A 209 3.56 21.77 14.40
C THR A 209 4.76 20.87 14.62
N VAL A 210 4.55 19.56 14.56
CA VAL A 210 5.62 18.59 14.63
C VAL A 210 6.05 18.28 13.20
N GLU A 211 7.26 18.70 12.86
CA GLU A 211 7.80 18.54 11.51
C GLU A 211 9.00 17.59 11.58
N VAL A 212 8.88 16.44 10.95
CA VAL A 212 9.98 15.49 10.87
C VAL A 212 10.73 15.78 9.57
N LYS A 213 12.05 15.87 9.65
CA LYS A 213 12.84 16.27 8.49
C LYS A 213 14.09 15.40 8.46
N GLY A 214 14.17 14.52 7.46
CA GLY A 214 15.32 13.66 7.30
C GLY A 214 16.23 14.12 6.18
N PRO A 215 17.32 13.38 5.94
CA PRO A 215 18.23 13.76 4.84
C PRO A 215 17.58 13.78 3.47
N TYR A 216 16.67 12.85 3.19
CA TYR A 216 15.88 12.90 1.97
C TYR A 216 14.53 13.53 2.29
N GLU A 217 14.61 14.79 2.73
CA GLU A 217 13.49 15.69 3.01
C GLU A 217 12.64 15.01 4.11
N TYR A 218 11.32 15.04 4.01
CA TYR A 218 10.44 14.63 5.11
C TYR A 218 10.06 13.16 5.03
N LEU A 219 10.62 12.41 4.09
CA LEU A 219 10.22 11.03 3.87
C LEU A 219 10.84 10.11 4.92
N THR A 220 10.12 9.05 5.28
CA THR A 220 10.52 8.12 6.32
C THR A 220 10.81 6.74 5.73
N LEU A 221 11.57 5.93 6.50
CA LEU A 221 11.91 4.57 6.05
C LEU A 221 10.68 3.70 5.84
N GLU A 222 9.60 3.95 6.57
CA GLU A 222 8.39 3.17 6.37
C GLU A 222 7.83 3.41 4.97
N ASP A 223 7.96 4.64 4.48
CA ASP A 223 7.47 5.00 3.16
C ASP A 223 8.58 5.16 2.13
N TYR A 224 9.86 5.04 2.51
CA TYR A 224 10.96 5.27 1.57
C TYR A 224 11.01 4.26 0.43
N PRO A 225 11.16 2.95 0.65
CA PRO A 225 11.43 2.07 -0.49
C PRO A 225 10.22 1.88 -1.40
N LEU A 226 9.01 2.14 -0.90
CA LEU A 226 7.83 2.10 -1.75
C LEU A 226 7.89 3.16 -2.83
N MET A 227 8.46 4.32 -2.52
CA MET A 227 8.53 5.41 -3.50
C MET A 227 9.47 5.06 -4.64
N ILE A 228 10.66 4.53 -4.34
CA ILE A 228 11.60 4.15 -5.40
C ILE A 228 11.10 2.91 -6.13
N PHE A 229 10.38 2.03 -5.42
CA PHE A 229 9.75 0.89 -6.08
C PHE A 229 8.71 1.35 -7.09
N PHE A 230 7.95 2.38 -6.75
CA PHE A 230 6.93 2.86 -7.67
C PHE A 230 7.55 3.68 -8.80
N MET A 231 8.69 4.34 -8.54
CA MET A 231 9.53 4.84 -9.63
C MET A 231 9.83 3.75 -10.64
N VAL A 232 10.37 2.63 -10.14
CA VAL A 232 10.81 1.55 -11.03
C VAL A 232 9.63 0.96 -11.79
N MET A 233 8.53 0.70 -11.10
CA MET A 233 7.42 0.02 -11.77
C MET A 233 6.64 0.98 -12.68
N CYS A 234 6.64 2.28 -12.38
CA CYS A 234 6.11 3.24 -13.34
C CYS A 234 6.95 3.24 -14.61
N ILE A 235 8.28 3.14 -14.47
CA ILE A 235 9.13 2.99 -15.65
C ILE A 235 8.79 1.69 -16.39
N VAL A 236 8.48 0.63 -15.64
CA VAL A 236 8.15 -0.66 -16.24
C VAL A 236 6.88 -0.56 -17.09
N TYR A 237 5.82 0.02 -16.53
CA TYR A 237 4.61 0.21 -17.34
C TYR A 237 4.80 1.23 -18.45
N VAL A 238 5.65 2.25 -18.29
CA VAL A 238 5.92 3.14 -19.41
C VAL A 238 6.56 2.38 -20.57
N LEU A 239 7.52 1.50 -20.25
CA LEU A 239 8.11 0.64 -21.28
C LEU A 239 7.07 -0.30 -21.88
N PHE A 240 6.18 -0.82 -21.03
CA PHE A 240 5.10 -1.70 -21.52
C PHE A 240 4.19 -0.97 -22.49
N GLY A 241 3.83 0.28 -22.18
CA GLY A 241 2.96 1.03 -23.06
C GLY A 241 3.63 1.38 -24.38
N VAL A 242 4.92 1.73 -24.32
CA VAL A 242 5.67 2.00 -25.54
C VAL A 242 5.76 0.75 -26.41
N LEU A 243 6.01 -0.40 -25.79
CA LEU A 243 6.09 -1.66 -26.53
C LEU A 243 4.73 -2.04 -27.12
N TRP A 244 3.66 -1.83 -26.36
CA TRP A 244 2.32 -2.14 -26.82
C TRP A 244 1.94 -1.27 -28.02
N LEU A 245 2.27 0.02 -27.95
CA LEU A 245 1.99 0.91 -29.07
C LEU A 245 2.85 0.58 -30.28
N ALA A 246 4.10 0.16 -30.05
CA ALA A 246 4.98 -0.22 -31.14
C ALA A 246 4.45 -1.46 -31.84
N TRP A 247 3.87 -2.39 -31.08
CA TRP A 247 3.24 -3.57 -31.69
C TRP A 247 1.95 -3.20 -32.41
N SER A 248 1.16 -2.26 -31.86
CA SER A 248 -0.13 -1.95 -32.45
C SER A 248 0.02 -1.04 -33.67
N ALA A 249 1.19 -0.40 -33.83
CA ALA A 249 1.40 0.51 -34.94
C ALA A 249 1.39 -0.21 -36.28
N CYS A 250 2.00 -1.41 -36.34
CA CYS A 250 2.12 -2.11 -37.61
C CYS A 250 0.79 -2.66 -38.09
N TYR A 251 0.01 -3.25 -37.18
CA TYR A 251 -1.22 -3.95 -37.55
C TYR A 251 -2.38 -3.37 -36.76
N TRP A 252 -3.47 -3.07 -37.46
CA TRP A 252 -4.69 -2.56 -36.85
C TRP A 252 -5.93 -3.33 -37.30
N ARG A 253 -5.96 -3.82 -38.55
CA ARG A 253 -7.14 -4.49 -39.08
C ARG A 253 -7.34 -5.87 -38.44
N ASP A 254 -6.31 -6.41 -37.79
CA ASP A 254 -6.37 -7.74 -37.19
C ASP A 254 -6.67 -7.69 -35.69
N LEU A 255 -6.98 -6.53 -35.15
CA LEU A 255 -7.21 -6.38 -33.71
C LEU A 255 -8.64 -6.75 -33.38
N LEU A 256 -8.79 -7.59 -32.35
CA LEU A 256 -10.10 -7.93 -31.81
C LEU A 256 -10.25 -7.34 -30.42
N ARG A 257 -11.36 -7.68 -29.75
CA ARG A 257 -11.78 -6.97 -28.55
C ARG A 257 -10.83 -7.21 -27.38
N ILE A 258 -10.16 -8.37 -27.36
CA ILE A 258 -9.23 -8.66 -26.28
C ILE A 258 -8.03 -7.72 -26.33
N GLN A 259 -7.63 -7.30 -27.54
CA GLN A 259 -6.51 -6.37 -27.66
C GLN A 259 -6.85 -5.02 -27.05
N PHE A 260 -8.04 -4.50 -27.35
CA PHE A 260 -8.49 -3.25 -26.74
C PHE A 260 -8.64 -3.40 -25.24
N TRP A 261 -9.11 -4.56 -24.77
CA TRP A 261 -9.26 -4.77 -23.33
C TRP A 261 -7.90 -4.81 -22.61
N ILE A 262 -6.90 -5.46 -23.22
CA ILE A 262 -5.57 -5.48 -22.61
C ILE A 262 -4.95 -4.10 -22.62
N GLY A 263 -5.14 -3.34 -23.71
CA GLY A 263 -4.70 -1.96 -23.72
C GLY A 263 -5.38 -1.13 -22.65
N ALA A 264 -6.66 -1.39 -22.41
CA ALA A 264 -7.39 -0.71 -21.35
C ALA A 264 -6.82 -1.06 -19.97
N VAL A 265 -6.45 -2.33 -19.77
CA VAL A 265 -5.84 -2.73 -18.49
C VAL A 265 -4.51 -2.03 -18.29
N ILE A 266 -3.70 -1.93 -19.36
CA ILE A 266 -2.42 -1.24 -19.28
C ILE A 266 -2.63 0.24 -18.95
N PHE A 267 -3.66 0.85 -19.55
CA PHE A 267 -3.90 2.27 -19.30
C PHE A 267 -4.49 2.51 -17.91
N LEU A 268 -5.25 1.53 -17.39
CA LEU A 268 -5.69 1.60 -16.00
C LEU A 268 -4.49 1.54 -15.06
N GLY A 269 -3.52 0.68 -15.37
CA GLY A 269 -2.28 0.66 -14.60
C GLY A 269 -1.54 1.98 -14.68
N MET A 270 -1.47 2.56 -15.89
CA MET A 270 -0.92 3.91 -16.07
C MET A 270 -1.54 4.90 -15.11
N LEU A 271 -2.87 5.07 -15.18
CA LEU A 271 -3.55 6.10 -14.40
C LEU A 271 -3.48 5.82 -12.91
N GLU A 272 -3.66 4.56 -12.50
CA GLU A 272 -3.60 4.15 -11.12
C GLU A 272 -2.24 4.45 -10.50
N LYS A 273 -1.17 3.98 -11.14
CA LYS A 273 0.14 4.21 -10.55
C LYS A 273 0.58 5.65 -10.72
N ALA A 274 0.01 6.37 -11.69
CA ALA A 274 0.30 7.79 -11.85
C ALA A 274 -0.27 8.60 -10.70
N VAL A 275 -1.55 8.37 -10.36
CA VAL A 275 -2.14 9.11 -9.25
C VAL A 275 -1.54 8.66 -7.92
N PHE A 276 -1.15 7.39 -7.81
CA PHE A 276 -0.53 6.92 -6.57
C PHE A 276 0.86 7.52 -6.39
N TYR A 277 1.62 7.62 -7.49
CA TYR A 277 2.90 8.31 -7.46
C TYR A 277 2.74 9.78 -7.15
N ALA A 278 1.70 10.42 -7.67
CA ALA A 278 1.41 11.80 -7.32
C ALA A 278 1.10 11.93 -5.83
N GLU A 279 0.44 10.92 -5.26
CA GLU A 279 0.19 10.93 -3.83
C GLU A 279 1.49 10.87 -3.04
N PHE A 280 2.43 10.01 -3.45
CA PHE A 280 3.72 10.00 -2.76
C PHE A 280 4.52 11.27 -3.01
N GLN A 281 4.33 11.90 -4.16
CA GLN A 281 4.98 13.19 -4.41
C GLN A 281 4.44 14.25 -3.48
N ASN A 282 3.13 14.20 -3.19
CA ASN A 282 2.56 15.05 -2.15
C ASN A 282 3.13 14.72 -0.78
N ILE A 283 3.37 13.44 -0.50
CA ILE A 283 4.01 13.02 0.75
C ILE A 283 5.43 13.56 0.91
N ARG A 284 6.24 13.55 -0.15
CA ARG A 284 7.64 13.89 0.06
C ARG A 284 7.92 15.39 -0.07
N TYR A 285 7.34 16.07 -1.06
CA TYR A 285 7.61 17.49 -1.21
C TYR A 285 6.76 18.33 -0.27
N LYS A 286 5.44 18.30 -0.44
CA LYS A 286 4.57 19.09 0.42
C LYS A 286 4.42 18.50 1.81
N GLY A 287 4.66 17.21 1.98
CA GLY A 287 4.60 16.60 3.30
C GLY A 287 3.21 16.43 3.85
N GLU A 288 2.20 16.39 2.98
CA GLU A 288 0.82 16.26 3.43
C GLU A 288 0.17 15.08 2.73
N SER A 289 -0.81 14.49 3.40
CA SER A 289 -1.51 13.31 2.90
C SER A 289 -2.93 13.66 2.50
N VAL A 290 -3.31 13.26 1.29
CA VAL A 290 -4.67 13.44 0.79
C VAL A 290 -5.32 12.07 0.72
N GLN A 291 -6.41 11.89 1.47
CA GLN A 291 -7.05 10.58 1.53
C GLN A 291 -7.82 10.28 0.25
N GLY A 292 -8.32 11.32 -0.43
CA GLY A 292 -9.10 11.09 -1.65
C GLY A 292 -8.26 10.51 -2.78
N ALA A 293 -7.00 10.92 -2.86
CA ALA A 293 -6.10 10.34 -3.84
C ALA A 293 -5.86 8.86 -3.56
N LEU A 294 -5.77 8.50 -2.29
CA LEU A 294 -5.57 7.10 -1.91
C LEU A 294 -6.81 6.27 -2.24
N ILE A 295 -8.00 6.84 -1.97
CA ILE A 295 -9.26 6.22 -2.41
C ILE A 295 -9.26 5.97 -3.90
N LEU A 296 -8.89 7.00 -4.68
CA LEU A 296 -8.92 6.89 -6.14
C LEU A 296 -7.93 5.84 -6.63
N ALA A 297 -6.73 5.81 -6.04
CA ALA A 297 -5.70 4.86 -6.46
C ALA A 297 -6.13 3.43 -6.19
N GLU A 298 -6.61 3.14 -4.98
CA GLU A 298 -6.96 1.76 -4.68
C GLU A 298 -8.25 1.35 -5.39
N LEU A 299 -9.17 2.30 -5.62
CA LEU A 299 -10.35 2.00 -6.41
C LEU A 299 -10.00 1.66 -7.84
N LEU A 300 -9.05 2.41 -8.42
CA LEU A 300 -8.58 2.13 -9.77
C LEU A 300 -7.90 0.77 -9.84
N SER A 301 -7.09 0.44 -8.82
CA SER A 301 -6.43 -0.87 -8.80
C SER A 301 -7.45 -2.01 -8.68
N ALA A 302 -8.49 -1.80 -7.86
CA ALA A 302 -9.53 -2.82 -7.71
C ALA A 302 -10.28 -3.05 -9.01
N VAL A 303 -10.67 -1.96 -9.67
CA VAL A 303 -11.37 -2.07 -10.96
C VAL A 303 -10.46 -2.74 -12.00
N LYS A 304 -9.16 -2.39 -11.96
CA LYS A 304 -8.21 -2.91 -12.93
C LYS A 304 -8.03 -4.42 -12.78
N ARG A 305 -7.77 -4.90 -11.56
CA ARG A 305 -7.60 -6.35 -11.38
C ARG A 305 -8.92 -7.10 -11.54
N SER A 306 -10.05 -6.46 -11.22
CA SER A 306 -11.34 -7.08 -11.48
C SER A 306 -11.57 -7.30 -12.97
N LEU A 307 -11.31 -6.29 -13.79
CA LEU A 307 -11.45 -6.44 -15.23
C LEU A 307 -10.44 -7.44 -15.78
N ALA A 308 -9.25 -7.50 -15.18
CA ALA A 308 -8.25 -8.45 -15.62
C ALA A 308 -8.72 -9.89 -15.42
N ARG A 309 -9.19 -10.23 -14.21
CA ARG A 309 -9.65 -11.59 -14.00
C ARG A 309 -10.96 -11.86 -14.73
N THR A 310 -11.74 -10.82 -15.01
CA THR A 310 -12.91 -10.98 -15.87
C THR A 310 -12.48 -11.42 -17.27
N LEU A 311 -11.42 -10.81 -17.80
CA LEU A 311 -10.86 -11.25 -19.08
C LEU A 311 -10.34 -12.67 -19.00
N VAL A 312 -9.73 -13.03 -17.87
CA VAL A 312 -9.22 -14.39 -17.69
C VAL A 312 -10.38 -15.40 -17.73
N ILE A 313 -11.49 -15.10 -17.05
CA ILE A 313 -12.64 -15.99 -17.06
C ILE A 313 -13.26 -16.07 -18.44
N ILE A 314 -13.35 -14.94 -19.15
CA ILE A 314 -13.92 -14.93 -20.49
C ILE A 314 -13.08 -15.78 -21.44
N VAL A 315 -11.76 -15.66 -21.37
CA VAL A 315 -10.89 -16.46 -22.21
C VAL A 315 -10.98 -17.94 -21.81
N SER A 316 -11.12 -18.22 -20.52
CA SER A 316 -11.22 -19.60 -20.05
C SER A 316 -12.50 -20.28 -20.55
N LEU A 317 -13.52 -19.51 -20.87
CA LEU A 317 -14.73 -20.05 -21.48
C LEU A 317 -14.65 -20.07 -23.00
N GLY A 318 -13.62 -19.47 -23.59
CA GLY A 318 -13.44 -19.51 -25.02
C GLY A 318 -14.51 -18.76 -25.81
N TYR A 319 -14.53 -17.43 -25.68
CA TYR A 319 -15.49 -16.63 -26.43
C TYR A 319 -15.19 -16.70 -27.92
N GLY A 320 -16.19 -17.11 -28.70
CA GLY A 320 -16.01 -17.27 -30.13
C GLY A 320 -15.57 -18.66 -30.51
N ILE A 321 -14.52 -19.16 -29.86
CA ILE A 321 -14.04 -20.52 -30.13
C ILE A 321 -15.07 -21.55 -29.69
N VAL A 322 -15.63 -21.38 -28.49
CA VAL A 322 -16.64 -22.29 -27.98
C VAL A 322 -18.02 -21.79 -28.40
N LYS A 323 -18.35 -20.57 -27.99
CA LYS A 323 -19.65 -19.99 -28.33
C LYS A 323 -19.44 -18.54 -28.78
N PRO A 324 -20.07 -18.12 -29.90
CA PRO A 324 -19.88 -16.75 -30.41
C PRO A 324 -20.29 -15.66 -29.43
N ARG A 325 -21.33 -15.90 -28.64
CA ARG A 325 -21.76 -14.96 -27.61
C ARG A 325 -22.33 -15.75 -26.45
N LEU A 326 -21.69 -15.63 -25.29
CA LEU A 326 -22.08 -16.43 -24.13
C LEU A 326 -23.48 -16.07 -23.64
N GLY A 327 -23.81 -14.78 -23.65
CA GLY A 327 -25.16 -14.35 -23.32
C GLY A 327 -25.47 -14.30 -21.84
N VAL A 328 -26.35 -15.20 -21.38
CA VAL A 328 -26.77 -15.19 -19.98
C VAL A 328 -25.62 -15.61 -19.07
N THR A 329 -24.75 -16.50 -19.56
CA THR A 329 -23.57 -16.84 -18.79
C THR A 329 -22.56 -15.70 -18.79
N LEU A 330 -22.53 -14.90 -19.86
CA LEU A 330 -21.73 -13.67 -19.83
C LEU A 330 -22.28 -12.69 -18.80
N HIS A 331 -23.61 -12.61 -18.68
CA HIS A 331 -24.22 -11.81 -17.63
C HIS A 331 -23.84 -12.34 -16.25
N LYS A 332 -23.82 -13.66 -16.07
CA LYS A 332 -23.40 -14.20 -14.77
C LYS A 332 -21.92 -13.95 -14.51
N VAL A 333 -21.11 -13.92 -15.56
CA VAL A 333 -19.68 -13.58 -15.41
C VAL A 333 -19.53 -12.15 -14.93
N VAL A 334 -20.25 -11.21 -15.54
CA VAL A 334 -20.11 -9.81 -15.15
C VAL A 334 -20.76 -9.56 -13.79
N VAL A 335 -21.76 -10.38 -13.43
CA VAL A 335 -22.31 -10.29 -12.07
C VAL A 335 -21.30 -10.80 -11.05
N ALA A 336 -20.56 -11.86 -11.38
CA ALA A 336 -19.50 -12.34 -10.52
C ALA A 336 -18.41 -11.27 -10.35
N GLY A 337 -18.07 -10.60 -11.44
CA GLY A 337 -17.12 -9.50 -11.37
C GLY A 337 -17.62 -8.35 -10.53
N ALA A 338 -18.92 -8.03 -10.65
CA ALA A 338 -19.50 -6.95 -9.86
C ALA A 338 -19.55 -7.30 -8.37
N LEU A 339 -19.84 -8.56 -8.05
CA LEU A 339 -19.82 -9.00 -6.66
C LEU A 339 -18.41 -8.97 -6.09
N TYR A 340 -17.44 -9.39 -6.90
CA TYR A 340 -16.03 -9.29 -6.50
C TYR A 340 -15.65 -7.84 -6.25
N LEU A 341 -16.11 -6.93 -7.11
CA LEU A 341 -15.87 -5.52 -6.86
C LEU A 341 -16.52 -5.06 -5.57
N LEU A 342 -17.80 -5.40 -5.38
CA LEU A 342 -18.57 -4.89 -4.25
C LEU A 342 -18.03 -5.39 -2.93
N PHE A 343 -17.28 -6.50 -2.94
CA PHE A 343 -16.57 -6.94 -1.72
C PHE A 343 -15.15 -6.39 -1.66
N SER A 344 -14.32 -6.70 -2.67
CA SER A 344 -12.89 -6.45 -2.58
C SER A 344 -12.53 -4.97 -2.72
N GLY A 345 -13.27 -4.21 -3.53
CA GLY A 345 -12.99 -2.79 -3.62
C GLY A 345 -13.29 -2.06 -2.33
N MET A 346 -14.40 -2.43 -1.68
CA MET A 346 -14.69 -1.88 -0.36
C MET A 346 -13.66 -2.33 0.66
N GLU A 347 -13.16 -3.57 0.52
CA GLU A 347 -12.05 -4.03 1.33
C GLU A 347 -10.82 -3.15 1.15
N GLY A 348 -10.49 -2.82 -0.10
CA GLY A 348 -9.33 -1.97 -0.35
C GLY A 348 -9.52 -0.55 0.16
N VAL A 349 -10.74 -0.03 0.06
CA VAL A 349 -11.06 1.27 0.64
C VAL A 349 -10.90 1.23 2.16
N LEU A 350 -11.26 0.11 2.78
CA LEU A 350 -11.01 -0.05 4.21
C LEU A 350 -9.51 -0.09 4.51
N ARG A 351 -8.72 -0.71 3.64
CA ARG A 351 -7.26 -0.68 3.81
C ARG A 351 -6.71 0.74 3.65
N VAL A 352 -7.38 1.57 2.84
CA VAL A 352 -6.93 2.95 2.65
C VAL A 352 -7.05 3.73 3.96
N THR A 353 -8.22 3.68 4.60
CA THR A 353 -8.51 4.51 5.75
C THR A 353 -7.90 3.98 7.04
N GLY A 354 -7.17 2.88 6.97
CA GLY A 354 -6.64 2.25 8.16
C GLY A 354 -7.76 1.71 9.01
N ALA A 355 -8.46 0.69 8.50
CA ALA A 355 -9.60 0.12 9.19
C ALA A 355 -9.19 -0.50 10.52
N GLN A 356 -10.10 -0.44 11.49
CA GLN A 356 -9.83 -0.97 12.81
C GLN A 356 -9.68 -2.49 12.78
N THR A 357 -9.24 -3.04 13.90
CA THR A 357 -8.89 -4.46 13.98
C THR A 357 -10.09 -5.37 13.71
N ASP A 358 -11.27 -4.96 14.19
CA ASP A 358 -12.48 -5.72 13.92
C ASP A 358 -12.83 -5.71 12.44
N LEU A 359 -12.82 -4.53 11.81
CA LEU A 359 -13.10 -4.43 10.38
C LEU A 359 -12.03 -5.13 9.55
N ALA A 360 -10.76 -4.99 9.96
CA ALA A 360 -9.67 -5.64 9.25
C ALA A 360 -9.79 -7.15 9.32
N SER A 361 -10.17 -7.69 10.48
CA SER A 361 -10.36 -9.12 10.61
C SER A 361 -11.59 -9.58 9.82
N LEU A 362 -12.62 -8.75 9.75
CA LEU A 362 -13.85 -9.13 9.06
C LEU A 362 -13.67 -9.13 7.55
N ALA A 363 -12.80 -8.24 7.04
CA ALA A 363 -12.80 -7.94 5.61
C ALA A 363 -12.31 -9.11 4.75
N PHE A 364 -11.26 -9.81 5.19
CA PHE A 364 -10.57 -10.72 4.28
C PHE A 364 -11.21 -12.11 4.19
N ILE A 365 -12.24 -12.40 4.97
CA ILE A 365 -12.91 -13.70 4.90
C ILE A 365 -13.65 -13.84 3.56
N PRO A 366 -14.58 -12.94 3.18
CA PRO A 366 -15.18 -13.11 1.85
C PRO A 366 -14.19 -12.87 0.73
N LEU A 367 -13.16 -12.07 0.98
CA LEU A 367 -12.09 -11.89 -0.01
C LEU A 367 -11.40 -13.21 -0.33
N ALA A 368 -10.93 -13.90 0.70
CA ALA A 368 -10.22 -15.17 0.51
C ALA A 368 -11.14 -16.23 -0.09
N PHE A 369 -12.39 -16.27 0.37
CA PHE A 369 -13.36 -17.21 -0.19
C PHE A 369 -13.59 -16.93 -1.67
N LEU A 370 -13.67 -15.64 -2.04
CA LEU A 370 -13.85 -15.27 -3.44
C LEU A 370 -12.65 -15.67 -4.28
N ASP A 371 -11.43 -15.45 -3.79
CA ASP A 371 -10.26 -15.85 -4.58
C ASP A 371 -10.25 -17.36 -4.79
N THR A 372 -10.54 -18.12 -3.74
CA THR A 372 -10.56 -19.59 -3.87
C THR A 372 -11.61 -20.04 -4.87
N ALA A 373 -12.83 -19.51 -4.76
CA ALA A 373 -13.92 -19.95 -5.62
C ALA A 373 -13.68 -19.55 -7.08
N LEU A 374 -13.28 -18.30 -7.31
CA LEU A 374 -13.05 -17.82 -8.67
C LEU A 374 -11.90 -18.55 -9.33
N CYS A 375 -10.80 -18.77 -8.60
CA CYS A 375 -9.67 -19.49 -9.19
C CYS A 375 -10.05 -20.93 -9.51
N TRP A 376 -10.80 -21.60 -8.62
CA TRP A 376 -11.21 -22.98 -8.89
C TRP A 376 -12.12 -23.04 -10.13
N TRP A 377 -13.00 -22.05 -10.26
CA TRP A 377 -13.86 -21.98 -11.44
C TRP A 377 -13.02 -21.77 -12.70
N ILE A 378 -11.96 -20.95 -12.61
CA ILE A 378 -11.07 -20.74 -13.75
C ILE A 378 -10.38 -22.04 -14.14
N PHE A 379 -9.89 -22.80 -13.16
CA PHE A 379 -9.25 -24.08 -13.49
C PHE A 379 -10.24 -25.06 -14.13
N ILE A 380 -11.47 -25.11 -13.62
CA ILE A 380 -12.46 -26.02 -14.19
C ILE A 380 -12.77 -25.64 -15.65
N SER A 381 -13.01 -24.35 -15.89
CA SER A 381 -13.28 -23.88 -17.25
C SER A 381 -12.07 -24.10 -18.15
N LEU A 382 -10.87 -23.94 -17.59
CA LEU A 382 -9.65 -24.07 -18.37
C LEU A 382 -9.41 -25.51 -18.80
N THR A 383 -9.60 -26.46 -17.89
CA THR A 383 -9.48 -27.87 -18.26
C THR A 383 -10.56 -28.26 -19.25
N GLN A 384 -11.77 -27.73 -19.10
CA GLN A 384 -12.84 -28.06 -20.05
C GLN A 384 -12.51 -27.54 -21.45
N THR A 385 -12.09 -26.28 -21.57
CA THR A 385 -11.77 -25.77 -22.89
C THR A 385 -10.50 -26.39 -23.44
N MET A 386 -9.61 -26.86 -22.55
CA MET A 386 -8.44 -27.61 -22.98
C MET A 386 -8.86 -28.92 -23.64
N LYS A 387 -9.83 -29.61 -23.04
CA LYS A 387 -10.35 -30.84 -23.63
C LYS A 387 -11.01 -30.58 -24.97
N LEU A 388 -11.84 -29.53 -25.05
CA LEU A 388 -12.50 -29.21 -26.32
C LEU A 388 -11.50 -28.84 -27.41
N LEU A 389 -10.48 -28.04 -27.08
CA LEU A 389 -9.48 -27.68 -28.08
C LEU A 389 -8.59 -28.86 -28.43
N LYS A 390 -8.45 -29.83 -27.51
CA LYS A 390 -7.78 -31.07 -27.85
C LYS A 390 -8.59 -31.86 -28.88
N LEU A 391 -9.91 -31.82 -28.76
CA LEU A 391 -10.74 -32.43 -29.82
C LEU A 391 -10.66 -31.64 -31.11
N ARG A 392 -10.45 -30.32 -31.03
CA ARG A 392 -10.52 -29.49 -32.24
C ARG A 392 -9.28 -29.62 -33.13
N ARG A 393 -8.16 -30.14 -32.62
CA ARG A 393 -6.91 -30.30 -33.37
C ARG A 393 -6.41 -28.98 -33.96
N ASN A 394 -6.51 -27.90 -33.19
CA ASN A 394 -5.98 -26.61 -33.59
C ASN A 394 -4.58 -26.48 -33.00
N ILE A 395 -3.55 -26.57 -33.86
CA ILE A 395 -2.20 -26.86 -33.41
C ILE A 395 -1.60 -25.67 -32.66
N VAL A 396 -1.44 -24.54 -33.37
CA VAL A 396 -0.73 -23.40 -32.80
C VAL A 396 -1.53 -22.80 -31.64
N LYS A 397 -2.86 -22.86 -31.73
CA LYS A 397 -3.69 -22.42 -30.61
C LYS A 397 -3.52 -23.34 -29.40
N LEU A 398 -3.40 -24.65 -29.64
CA LEU A 398 -3.18 -25.57 -28.52
C LEU A 398 -1.85 -25.28 -27.84
N SER A 399 -0.81 -24.99 -28.62
CA SER A 399 0.47 -24.65 -28.04
C SER A 399 0.40 -23.35 -27.23
N LEU A 400 -0.27 -22.33 -27.79
CA LEU A 400 -0.35 -21.03 -27.12
C LEU A 400 -1.15 -21.14 -25.82
N TYR A 401 -2.29 -21.83 -25.86
CA TYR A 401 -3.05 -21.95 -24.61
C TYR A 401 -2.40 -22.93 -23.65
N ARG A 402 -1.57 -23.87 -24.13
CA ARG A 402 -0.80 -24.69 -23.19
C ARG A 402 0.20 -23.85 -22.43
N HIS A 403 0.88 -22.93 -23.14
CA HIS A 403 1.74 -21.96 -22.47
C HIS A 403 0.94 -21.09 -21.52
N PHE A 404 -0.31 -20.78 -21.89
CA PHE A 404 -1.17 -19.98 -21.02
C PHE A 404 -1.47 -20.74 -19.71
N THR A 405 -1.83 -22.02 -19.81
CA THR A 405 -2.09 -22.82 -18.61
C THR A 405 -0.83 -22.94 -17.76
N ASN A 406 0.33 -23.13 -18.38
CA ASN A 406 1.58 -23.21 -17.62
C ASN A 406 1.84 -21.91 -16.88
N THR A 407 1.57 -20.78 -17.54
CA THR A 407 1.70 -19.47 -16.90
C THR A 407 0.76 -19.35 -15.70
N LEU A 408 -0.48 -19.82 -15.86
CA LEU A 408 -1.44 -19.72 -14.76
C LEU A 408 -1.04 -20.60 -13.58
N ILE A 409 -0.51 -21.80 -13.85
CA ILE A 409 -0.05 -22.69 -12.78
C ILE A 409 1.11 -22.04 -12.03
N LEU A 410 2.07 -21.49 -12.76
CA LEU A 410 3.21 -20.84 -12.12
C LEU A 410 2.75 -19.63 -11.30
N ALA A 411 1.80 -18.86 -11.85
CA ALA A 411 1.30 -17.68 -11.16
C ALA A 411 0.58 -18.05 -9.86
N VAL A 412 -0.26 -19.08 -9.91
CA VAL A 412 -1.02 -19.49 -8.73
C VAL A 412 -0.08 -20.04 -7.66
N ALA A 413 0.91 -20.85 -8.08
CA ALA A 413 1.85 -21.42 -7.11
C ALA A 413 2.69 -20.34 -6.45
N ALA A 414 3.21 -19.40 -7.25
CA ALA A 414 4.01 -18.31 -6.69
C ALA A 414 3.17 -17.44 -5.77
N SER A 415 1.93 -17.15 -6.17
CA SER A 415 1.05 -16.33 -5.34
C SER A 415 0.75 -17.00 -4.01
N ILE A 416 0.46 -18.30 -4.03
CA ILE A 416 0.07 -18.97 -2.79
C ILE A 416 1.27 -19.12 -1.85
N VAL A 417 2.46 -19.39 -2.40
CA VAL A 417 3.62 -19.52 -1.52
C VAL A 417 4.00 -18.15 -0.95
N PHE A 418 3.82 -17.09 -1.74
CA PHE A 418 4.05 -15.74 -1.23
C PHE A 418 3.06 -15.40 -0.12
N ILE A 419 1.79 -15.77 -0.30
CA ILE A 419 0.78 -15.56 0.74
C ILE A 419 1.17 -16.28 2.03
N ILE A 420 1.51 -17.57 1.92
CA ILE A 420 1.85 -18.35 3.10
C ILE A 420 3.04 -17.74 3.82
N TRP A 421 4.13 -17.50 3.10
CA TRP A 421 5.35 -16.95 3.70
C TRP A 421 5.09 -15.60 4.35
N THR A 422 4.66 -14.62 3.57
CA THR A 422 4.52 -13.25 4.06
C THR A 422 3.48 -13.16 5.18
N THR A 423 2.27 -13.67 4.94
CA THR A 423 1.21 -13.51 5.93
C THR A 423 1.48 -14.30 7.20
N MET A 424 2.01 -15.54 7.09
CA MET A 424 2.24 -16.33 8.29
C MET A 424 3.39 -15.76 9.12
N LYS A 425 4.50 -15.42 8.47
CA LYS A 425 5.64 -14.93 9.25
C LYS A 425 5.48 -13.45 9.59
N PHE A 426 4.43 -12.80 9.10
CA PHE A 426 4.10 -11.45 9.54
C PHE A 426 3.60 -11.44 10.97
N ARG A 427 2.89 -12.50 11.39
CA ARG A 427 2.18 -12.47 12.66
C ARG A 427 2.51 -13.61 13.61
N ILE A 428 2.99 -14.76 13.12
CA ILE A 428 3.30 -15.86 14.03
C ILE A 428 4.52 -15.54 14.89
N VAL A 429 5.52 -14.87 14.32
CA VAL A 429 6.72 -14.54 15.09
C VAL A 429 6.38 -13.50 16.17
N THR A 430 7.03 -13.65 17.34
CA THR A 430 6.67 -12.84 18.49
C THR A 430 7.15 -11.41 18.35
N CYS A 431 8.23 -11.19 17.59
CA CYS A 431 8.76 -9.86 17.38
C CYS A 431 9.37 -9.78 15.99
N GLN A 432 8.82 -8.92 15.15
CA GLN A 432 9.40 -8.71 13.84
C GLN A 432 10.70 -7.91 13.98
N SER A 433 11.82 -8.63 14.12
CA SER A 433 13.10 -8.01 14.40
C SER A 433 13.81 -7.50 13.15
N ASP A 434 13.34 -7.86 11.96
CA ASP A 434 13.89 -7.33 10.72
C ASP A 434 12.85 -6.37 10.14
N TRP A 435 12.99 -5.10 10.49
CA TRP A 435 12.08 -4.04 10.07
C TRP A 435 12.26 -3.58 8.62
N ARG A 436 13.37 -3.93 7.97
CA ARG A 436 13.77 -3.27 6.74
C ARG A 436 12.96 -3.75 5.54
N GLU A 437 12.36 -4.94 5.61
CA GLU A 437 11.79 -5.59 4.43
C GLU A 437 10.27 -5.67 4.47
N LEU A 438 9.59 -4.65 5.01
CA LEU A 438 8.13 -4.63 4.96
C LEU A 438 7.59 -3.91 3.73
N TRP A 439 8.44 -3.26 2.94
CA TRP A 439 7.95 -2.62 1.72
C TRP A 439 7.61 -3.64 0.65
N VAL A 440 8.14 -4.86 0.77
CA VAL A 440 7.82 -5.94 -0.15
C VAL A 440 6.37 -6.39 0.00
N ASP A 441 5.80 -6.24 1.21
CA ASP A 441 4.47 -6.77 1.51
C ASP A 441 3.40 -6.11 0.64
N ASP A 442 3.48 -4.79 0.45
CA ASP A 442 2.57 -4.07 -0.42
C ASP A 442 3.10 -3.96 -1.85
N ALA A 443 4.02 -4.82 -2.23
CA ALA A 443 4.68 -4.75 -3.53
C ALA A 443 4.71 -6.06 -4.29
N ILE A 444 4.66 -7.20 -3.60
CA ILE A 444 4.89 -8.48 -4.25
C ILE A 444 3.71 -8.85 -5.15
N TRP A 445 2.49 -8.49 -4.74
CA TRP A 445 1.32 -8.77 -5.58
C TRP A 445 1.38 -7.99 -6.87
N ARG A 446 1.75 -6.71 -6.79
CA ARG A 446 1.87 -5.88 -7.98
C ARG A 446 2.99 -6.37 -8.88
N LEU A 447 4.10 -6.82 -8.28
CA LEU A 447 5.19 -7.38 -9.06
C LEU A 447 4.76 -8.64 -9.82
N LEU A 448 4.06 -9.54 -9.12
CA LEU A 448 3.57 -10.76 -9.77
C LEU A 448 2.61 -10.43 -10.89
N PHE A 449 1.71 -9.48 -10.67
CA PHE A 449 0.70 -9.19 -11.69
C PHE A 449 1.31 -8.49 -12.89
N SER A 450 2.34 -7.67 -12.64
CA SER A 450 3.07 -7.04 -13.74
C SER A 450 3.80 -8.08 -14.58
N MET A 451 4.41 -9.07 -13.92
CA MET A 451 5.06 -10.16 -14.65
C MET A 451 4.03 -10.95 -15.45
N ILE A 452 2.84 -11.16 -14.87
CA ILE A 452 1.78 -11.86 -15.58
C ILE A 452 1.37 -11.10 -16.83
N LEU A 453 1.22 -9.78 -16.71
CA LEU A 453 0.90 -8.94 -17.87
C LEU A 453 1.98 -9.02 -18.94
N PHE A 454 3.24 -9.04 -18.51
CA PHE A 454 4.35 -9.17 -19.45
C PHE A 454 4.28 -10.49 -20.21
N VAL A 455 3.99 -11.58 -19.50
CA VAL A 455 3.91 -12.90 -20.14
C VAL A 455 2.74 -12.95 -21.12
N ILE A 456 1.61 -12.36 -20.72
CA ILE A 456 0.44 -12.30 -21.61
C ILE A 456 0.75 -11.50 -22.87
N MET A 457 1.46 -10.38 -22.73
CA MET A 457 1.85 -9.62 -23.92
C MET A 457 2.82 -10.38 -24.80
N VAL A 458 3.71 -11.20 -24.21
CA VAL A 458 4.57 -12.06 -25.02
C VAL A 458 3.75 -13.08 -25.79
N LEU A 459 2.76 -13.69 -25.12
CA LEU A 459 1.94 -14.70 -25.78
C LEU A 459 1.08 -14.09 -26.88
N TRP A 460 0.43 -12.97 -26.60
CA TRP A 460 -0.37 -12.25 -27.60
C TRP A 460 0.42 -11.12 -28.24
N ARG A 461 1.44 -11.46 -29.02
CA ARG A 461 2.16 -10.45 -29.80
C ARG A 461 1.60 -10.44 -31.21
N PRO A 462 1.50 -9.28 -31.86
CA PRO A 462 0.95 -9.24 -33.22
C PRO A 462 1.90 -9.87 -34.24
N SER A 463 1.32 -10.41 -35.31
CA SER A 463 2.08 -11.02 -36.39
C SER A 463 1.23 -10.95 -37.66
N ALA A 464 1.82 -11.39 -38.77
CA ALA A 464 1.11 -11.35 -40.04
C ALA A 464 0.00 -12.40 -40.11
N ASN A 465 0.30 -13.62 -39.65
CA ASN A 465 -0.67 -14.71 -39.66
C ASN A 465 -1.52 -14.74 -38.39
N ASN A 466 -1.60 -13.62 -37.66
CA ASN A 466 -2.36 -13.59 -36.42
C ASN A 466 -3.85 -13.69 -36.68
N GLN A 467 -4.28 -13.38 -37.91
CA GLN A 467 -5.69 -13.51 -38.28
C GLN A 467 -6.13 -14.96 -38.19
N ARG A 468 -5.27 -15.88 -38.62
CA ARG A 468 -5.58 -17.30 -38.48
C ARG A 468 -5.14 -17.83 -37.12
N PHE A 469 -4.13 -17.19 -36.51
CA PHE A 469 -3.57 -17.69 -35.27
C PHE A 469 -4.50 -17.44 -34.09
N ALA A 470 -5.10 -16.25 -34.02
CA ALA A 470 -5.88 -15.89 -32.85
C ALA A 470 -7.26 -16.54 -32.86
N PHE A 471 -7.99 -16.37 -33.96
CA PHE A 471 -9.37 -16.82 -34.03
C PHE A 471 -9.61 -17.51 -35.36
N SER A 472 -10.47 -18.52 -35.36
CA SER A 472 -10.91 -19.22 -36.55
C SER A 472 -12.43 -19.19 -36.64
N PRO A 473 -13.00 -19.12 -37.85
CA PRO A 473 -14.47 -19.10 -37.97
C PRO A 473 -15.11 -20.38 -37.48
N LEU A 474 -15.78 -20.30 -36.34
CA LEU A 474 -16.34 -21.47 -35.68
C LEU A 474 -17.35 -21.06 -34.60
C18 PEE B . -4.19 -14.07 6.21
C17 PEE B . -5.42 -14.14 5.32
C16 PEE B . -5.44 -12.92 4.39
C15 PEE B . -6.45 -13.07 3.25
C14 PEE B . -6.23 -12.01 2.16
C13 PEE B . -4.77 -11.87 1.74
C12 PEE B . -4.64 -11.10 0.43
C11 PEE B . -3.41 -11.55 -0.37
C10 PEE B . -3.14 -10.57 -1.48
O4 PEE B . -2.83 -9.41 -1.30
O2 PEE B . -3.28 -11.09 -2.73
C2 PEE B . -4.34 -10.61 -3.52
C1 PEE B . -3.72 -9.62 -4.53
O3P PEE B . -3.67 -8.38 -3.91
P PEE B . -4.96 -7.35 -3.75
O2P PEE B . -6.16 -7.97 -4.40
O1P PEE B . -4.44 -5.96 -3.69
O4P PEE B . -5.14 -7.78 -2.04
C3 PEE B . -4.98 -11.81 -4.26
O3 PEE B . -4.09 -12.28 -5.25
C30 PEE B . -4.18 -13.56 -5.68
O5 PEE B . -4.29 -13.79 -6.88
C31 PEE B . -4.14 -14.58 -4.57
C32 PEE B . -4.82 -15.87 -5.04
C33 PEE B . -5.11 -16.85 -3.90
C34 PEE B . -5.57 -18.23 -4.40
#